data_6DB2
#
_entry.id   6DB2
#
_cell.length_a   81.025
_cell.length_b   66.637
_cell.length_c   63.224
_cell.angle_alpha   90.000
_cell.angle_beta   109.470
_cell.angle_gamma   90.000
#
_symmetry.space_group_name_H-M   'C 1 2 1'
#
loop_
_entity.id
_entity.type
_entity.pdbx_description
1 polymer 'Alpha-ketoglutarate-dependent L-arginine hydroxylase'
2 non-polymer 'SUCCINIC ACID'
3 non-polymer L-HOMOARGININE
4 non-polymer oxovanadium(2+)
5 non-polymer 1,2-ETHANEDIOL
6 water water
#
_entity_poly.entity_id   1
_entity_poly.type   'polypeptide(L)'
_entity_poly.pdbx_seq_one_letter_code
;PWSEFRLTPAEAAAAAALAARCAQRYDETDGPEFLLDAPVIAHELPRRLRTFMARARLDAWPHALVVRGNPVDDAALGST
PVHWRTARTPGSRPLSFLLMLYAGLLGDVFGWATQQDGRVVTDVLPIKGGEHTLVSSSSRQELGWHTEDAFSPYRADYVG
LLSLRNPDGVATTLAGVPLDDLDERTLDVLFQERFLIRPDDSHLQVNNSTAQQGRVEFEGIAQAADRPEPVAILTGHRAA
PHLRVDGDFSAPAEGDEEAAAALGTLRKLIDASLYELVLDQGDVAFIDNRRAVHGRRAFQPRYDGRDRWLKRINITRDLH
RSRKAWAGDSRVLGQR
;
_entity_poly.pdbx_strand_id   A
#
# COMPACT_ATOMS: atom_id res chain seq x y z
N PRO A 1 7.25 13.70 10.30
CA PRO A 1 8.09 12.73 9.57
C PRO A 1 7.59 12.40 8.16
N TRP A 2 6.52 13.05 7.71
CA TRP A 2 6.07 12.97 6.32
C TRP A 2 6.03 14.36 5.71
N SER A 3 5.92 14.42 4.39
CA SER A 3 5.79 15.67 3.66
C SER A 3 4.31 15.93 3.36
N GLU A 4 3.84 17.16 3.64
CA GLU A 4 2.42 17.47 3.53
C GLU A 4 2.12 18.64 2.59
N PHE A 5 1.03 18.49 1.85
CA PHE A 5 0.56 19.50 0.90
C PHE A 5 -0.95 19.63 1.11
N ARG A 6 -1.45 20.87 1.15
CA ARG A 6 -2.89 21.11 1.24
C ARG A 6 -3.38 21.83 0.00
N LEU A 7 -4.25 21.17 -0.74
CA LEU A 7 -4.90 21.76 -1.89
C LEU A 7 -5.73 22.98 -1.46
N THR A 8 -5.61 24.06 -2.22
CA THR A 8 -6.60 25.14 -2.10
C THR A 8 -7.92 24.62 -2.66
N PRO A 9 -9.04 25.24 -2.26
CA PRO A 9 -10.32 24.80 -2.84
C PRO A 9 -10.38 24.80 -4.37
N ALA A 10 -9.80 25.81 -5.02
CA ALA A 10 -9.75 25.86 -6.48
C ALA A 10 -8.90 24.71 -7.08
N GLU A 11 -7.76 24.42 -6.47
CA GLU A 11 -6.90 23.29 -6.92
C GLU A 11 -7.63 21.95 -6.76
N ALA A 12 -8.28 21.78 -5.63
CA ALA A 12 -9.03 20.56 -5.34
C ALA A 12 -10.16 20.37 -6.34
N ALA A 13 -10.89 21.45 -6.64
CA ALA A 13 -11.97 21.39 -7.63
C ALA A 13 -11.48 21.03 -9.04
N ALA A 14 -10.34 21.59 -9.44
CA ALA A 14 -9.77 21.32 -10.76
C ALA A 14 -9.34 19.85 -10.88
N ALA A 15 -8.66 19.35 -9.85
CA ALA A 15 -8.28 17.93 -9.81
C ALA A 15 -9.52 17.02 -9.88
N ALA A 16 -10.54 17.38 -9.10
CA ALA A 16 -11.79 16.62 -9.12
C ALA A 16 -12.46 16.64 -10.50
N ALA A 17 -12.48 17.80 -11.14
CA ALA A 17 -13.04 17.94 -12.50
C ALA A 17 -12.27 17.06 -13.50
N LEU A 18 -10.95 17.07 -13.41
CA LEU A 18 -10.11 16.22 -14.27
C LEU A 18 -10.45 14.74 -14.11
N ALA A 19 -10.55 14.29 -12.85
CA ALA A 19 -10.91 12.90 -12.55
C ALA A 19 -12.29 12.54 -13.10
N ALA A 20 -13.25 13.45 -12.94
CA ALA A 20 -14.61 13.23 -13.42
C ALA A 20 -14.62 13.12 -14.95
N ARG A 21 -13.84 13.96 -15.62
CA ARG A 21 -13.69 13.86 -17.07
C ARG A 21 -13.13 12.50 -17.49
N CYS A 22 -12.11 12.01 -16.78
CA CYS A 22 -11.57 10.67 -17.04
C CYS A 22 -12.62 9.59 -16.84
N ALA A 23 -13.41 9.71 -15.78
CA ALA A 23 -14.45 8.73 -15.50
C ALA A 23 -15.52 8.73 -16.59
N GLN A 24 -15.73 9.88 -17.22
CA GLN A 24 -16.65 10.03 -18.35
C GLN A 24 -16.13 9.41 -19.66
N ARG A 25 -14.81 9.44 -19.86
CA ARG A 25 -14.20 9.00 -21.13
C ARG A 25 -13.69 7.57 -21.16
N TYR A 26 -13.34 6.99 -20.00
CA TYR A 26 -12.78 5.64 -19.93
C TYR A 26 -13.74 4.69 -19.23
N ASP A 27 -13.78 3.43 -19.66
CA ASP A 27 -14.67 2.42 -19.03
C ASP A 27 -14.28 2.09 -17.59
N GLU A 28 -12.99 1.97 -17.33
CA GLU A 28 -12.52 1.64 -15.97
C GLU A 28 -11.07 2.06 -15.75
N THR A 29 -10.67 2.16 -14.49
CA THR A 29 -9.31 2.56 -14.15
C THR A 29 -8.29 1.53 -14.56
N ASP A 30 -8.63 0.25 -14.44
CA ASP A 30 -7.68 -0.84 -14.61
C ASP A 30 -7.59 -1.36 -16.04
N GLY A 31 -8.33 -0.73 -16.95
CA GLY A 31 -8.26 -1.09 -18.35
C GLY A 31 -6.94 -0.67 -18.95
N PRO A 32 -6.50 -1.33 -20.03
CA PRO A 32 -5.20 -0.99 -20.61
C PRO A 32 -5.13 0.47 -21.04
N GLU A 33 -6.26 1.03 -21.50
CA GLU A 33 -6.28 2.38 -22.04
C GLU A 33 -5.96 3.44 -20.96
N PHE A 34 -6.68 3.40 -19.83
CA PHE A 34 -6.42 4.38 -18.80
C PHE A 34 -5.08 4.12 -18.09
N LEU A 35 -4.69 2.86 -17.98
CA LEU A 35 -3.39 2.53 -17.39
C LEU A 35 -2.27 3.24 -18.16
N LEU A 36 -2.33 3.18 -19.49
CA LEU A 36 -1.34 3.88 -20.33
C LEU A 36 -1.48 5.40 -20.37
N ASP A 37 -2.72 5.91 -20.36
CA ASP A 37 -2.95 7.37 -20.51
C ASP A 37 -2.84 8.18 -19.24
N ALA A 38 -3.12 7.58 -18.09
CA ALA A 38 -3.22 8.34 -16.85
C ALA A 38 -1.97 9.19 -16.51
N PRO A 39 -0.76 8.64 -16.73
CA PRO A 39 0.45 9.41 -16.40
C PRO A 39 0.57 10.72 -17.20
N VAL A 40 0.09 10.71 -18.44
CA VAL A 40 0.12 11.90 -19.29
C VAL A 40 -1.06 12.83 -18.97
N ILE A 41 -2.24 12.26 -18.72
CA ILE A 41 -3.37 13.07 -18.27
C ILE A 41 -3.03 13.80 -16.96
N ALA A 42 -2.28 13.15 -16.08
CA ALA A 42 -1.88 13.76 -14.81
C ALA A 42 -1.04 15.03 -14.96
N HIS A 43 -0.42 15.22 -16.12
CA HIS A 43 0.25 16.47 -16.42
C HIS A 43 -0.67 17.70 -16.38
N GLU A 44 -1.98 17.46 -16.52
N GLU A 44 -1.97 17.47 -16.52
CA GLU A 44 -3.00 18.52 -16.47
CA GLU A 44 -2.99 18.53 -16.46
C GLU A 44 -3.44 18.88 -15.05
C GLU A 44 -3.46 18.87 -15.05
N LEU A 45 -2.93 18.18 -14.03
CA LEU A 45 -3.27 18.52 -12.65
C LEU A 45 -2.69 19.88 -12.27
N PRO A 46 -3.19 20.48 -11.17
CA PRO A 46 -2.69 21.80 -10.77
C PRO A 46 -1.17 21.83 -10.60
N ARG A 47 -0.53 22.82 -11.16
CA ARG A 47 0.89 22.91 -11.18
C ARG A 47 1.58 22.85 -9.83
N ARG A 48 1.02 23.54 -8.87
CA ARG A 48 1.63 23.54 -7.53
C ARG A 48 1.66 22.13 -6.93
N LEU A 49 0.63 21.34 -7.23
CA LEU A 49 0.60 19.95 -6.80
C LEU A 49 1.67 19.13 -7.53
N ARG A 50 1.80 19.31 -8.85
CA ARG A 50 2.82 18.59 -9.62
C ARG A 50 4.24 18.91 -9.12
N THR A 51 4.48 20.18 -8.80
CA THR A 51 5.76 20.59 -8.23
C THR A 51 6.03 19.89 -6.90
N PHE A 52 5.03 19.87 -6.02
CA PHE A 52 5.17 19.21 -4.72
C PHE A 52 5.52 17.73 -4.90
N MET A 53 4.80 17.05 -5.78
CA MET A 53 4.99 15.63 -6.00
C MET A 53 6.37 15.30 -6.57
N ALA A 54 6.86 16.13 -7.50
CA ALA A 54 8.14 15.92 -8.13
C ALA A 54 9.28 16.12 -7.14
N ARG A 55 9.16 17.16 -6.31
CA ARG A 55 10.19 17.48 -5.35
C ARG A 55 10.18 16.63 -4.10
N ALA A 56 8.99 16.40 -3.53
CA ALA A 56 8.89 15.60 -2.32
C ALA A 56 9.35 14.16 -2.59
N ARG A 57 9.11 13.64 -3.80
CA ARG A 57 9.62 12.32 -4.15
C ARG A 57 11.14 12.26 -4.09
N LEU A 58 11.81 13.38 -4.33
CA LEU A 58 13.28 13.40 -4.35
C LEU A 58 13.92 13.74 -3.00
N ASP A 59 13.14 14.23 -2.04
CA ASP A 59 13.67 14.44 -0.69
C ASP A 59 14.12 13.12 -0.08
N ALA A 60 15.11 13.21 0.79
CA ALA A 60 15.76 12.03 1.36
C ALA A 60 15.06 11.49 2.60
N TRP A 61 14.29 12.34 3.30
CA TRP A 61 13.77 12.03 4.66
C TRP A 61 12.32 11.50 4.82
N PRO A 62 11.36 11.96 4.00
CA PRO A 62 9.95 11.66 4.35
C PRO A 62 9.55 10.19 4.31
N HIS A 63 8.69 9.76 5.23
CA HIS A 63 8.15 8.40 5.22
C HIS A 63 6.96 8.30 4.29
N ALA A 64 6.38 9.45 3.95
CA ALA A 64 5.20 9.51 3.10
C ALA A 64 5.00 10.89 2.51
N LEU A 65 4.23 10.96 1.41
CA LEU A 65 3.75 12.21 0.87
C LEU A 65 2.27 12.26 1.16
N VAL A 66 1.79 13.35 1.78
CA VAL A 66 0.37 13.46 2.12
C VAL A 66 -0.28 14.68 1.46
N VAL A 67 -1.38 14.45 0.75
CA VAL A 67 -2.14 15.51 0.09
C VAL A 67 -3.52 15.64 0.75
N ARG A 68 -3.77 16.79 1.38
CA ARG A 68 -5.03 17.02 2.08
C ARG A 68 -5.97 17.88 1.23
N GLY A 69 -7.28 17.64 1.42
CA GLY A 69 -8.29 18.57 0.95
C GLY A 69 -9.03 18.22 -0.32
N ASN A 70 -9.12 16.95 -0.67
CA ASN A 70 -9.97 16.54 -1.79
C ASN A 70 -11.42 16.41 -1.29
N PRO A 71 -12.37 17.16 -1.88
CA PRO A 71 -13.75 17.06 -1.41
C PRO A 71 -14.38 15.69 -1.70
N VAL A 72 -15.10 15.14 -0.72
CA VAL A 72 -15.88 13.91 -0.91
C VAL A 72 -17.26 14.13 -0.31
N ASP A 73 -18.30 13.98 -1.13
CA ASP A 73 -19.69 14.19 -0.72
C ASP A 73 -20.28 12.82 -0.32
N ASP A 74 -20.50 12.61 0.98
CA ASP A 74 -21.00 11.31 1.49
C ASP A 74 -22.32 10.86 0.85
N ALA A 75 -23.20 11.81 0.55
CA ALA A 75 -24.45 11.50 -0.15
C ALA A 75 -24.21 10.98 -1.55
N ALA A 76 -23.32 11.62 -2.29
CA ALA A 76 -22.96 11.16 -3.64
C ALA A 76 -22.16 9.87 -3.61
N LEU A 77 -21.29 9.72 -2.60
CA LEU A 77 -20.47 8.50 -2.46
C LEU A 77 -21.32 7.26 -2.25
N GLY A 78 -22.36 7.39 -1.42
CA GLY A 78 -23.21 6.27 -1.05
C GLY A 78 -22.61 5.47 0.10
N SER A 79 -23.25 4.35 0.41
CA SER A 79 -22.82 3.54 1.55
C SER A 79 -21.51 2.81 1.30
N THR A 80 -20.77 2.58 2.38
CA THR A 80 -19.56 1.80 2.32
C THR A 80 -19.98 0.36 1.95
N PRO A 81 -19.30 -0.25 0.98
CA PRO A 81 -19.61 -1.63 0.58
C PRO A 81 -19.40 -2.66 1.70
N VAL A 82 -20.07 -3.80 1.59
CA VAL A 82 -19.92 -4.90 2.55
C VAL A 82 -18.67 -5.75 2.32
N HIS A 83 -18.10 -5.66 1.11
CA HIS A 83 -16.96 -6.47 0.70
C HIS A 83 -16.22 -5.69 -0.40
N TRP A 84 -14.93 -5.94 -0.59
CA TRP A 84 -14.20 -5.29 -1.69
C TRP A 84 -14.75 -5.70 -3.08
N ARG A 85 -15.29 -6.91 -3.16
CA ARG A 85 -15.82 -7.45 -4.41
C ARG A 85 -16.85 -6.50 -5.03
N THR A 86 -17.70 -5.92 -4.18
CA THR A 86 -18.79 -5.07 -4.64
C THR A 86 -18.49 -3.58 -4.46
N ALA A 87 -17.21 -3.22 -4.32
CA ALA A 87 -16.84 -1.87 -3.90
C ALA A 87 -16.57 -0.90 -5.04
N ARG A 88 -16.71 -1.34 -6.29
CA ARG A 88 -16.58 -0.41 -7.40
C ARG A 88 -17.93 0.25 -7.69
N THR A 89 -18.33 1.11 -6.75
CA THR A 89 -19.63 1.76 -6.78
C THR A 89 -19.54 3.04 -7.61
N PRO A 90 -20.67 3.48 -8.21
CA PRO A 90 -20.63 4.71 -9.01
C PRO A 90 -20.18 5.94 -8.21
N GLY A 91 -20.56 6.00 -6.93
CA GLY A 91 -20.17 7.12 -6.10
C GLY A 91 -18.67 7.20 -5.84
N SER A 92 -18.00 6.05 -5.79
CA SER A 92 -16.56 5.99 -5.53
C SER A 92 -15.73 6.09 -6.81
N ARG A 93 -16.38 5.90 -7.97
CA ARG A 93 -15.71 5.85 -9.26
C ARG A 93 -14.76 7.02 -9.54
N PRO A 94 -15.25 8.27 -9.45
CA PRO A 94 -14.35 9.39 -9.78
C PRO A 94 -13.14 9.49 -8.85
N LEU A 95 -13.30 9.11 -7.59
CA LEU A 95 -12.18 9.13 -6.64
C LEU A 95 -11.14 8.05 -6.94
N SER A 96 -11.58 6.93 -7.50
CA SER A 96 -10.64 5.90 -7.97
C SER A 96 -9.80 6.46 -9.11
N PHE A 97 -10.44 7.15 -10.04
CA PHE A 97 -9.70 7.81 -11.12
C PHE A 97 -8.74 8.86 -10.55
N LEU A 98 -9.20 9.64 -9.59
CA LEU A 98 -8.36 10.66 -8.97
C LEU A 98 -7.10 10.05 -8.35
N LEU A 99 -7.27 8.96 -7.60
CA LEU A 99 -6.12 8.29 -6.98
C LEU A 99 -5.11 7.86 -8.03
N MET A 100 -5.59 7.26 -9.12
CA MET A 100 -4.70 6.79 -10.18
C MET A 100 -3.96 7.95 -10.87
N LEU A 101 -4.64 9.08 -11.04
CA LEU A 101 -3.99 10.26 -11.60
C LEU A 101 -2.84 10.72 -10.71
N TYR A 102 -3.13 10.89 -9.42
CA TYR A 102 -2.05 11.25 -8.47
C TYR A 102 -0.90 10.23 -8.51
N ALA A 103 -1.24 8.95 -8.55
CA ALA A 103 -0.24 7.86 -8.57
C ALA A 103 0.66 7.92 -9.79
N GLY A 104 0.08 8.32 -10.93
CA GLY A 104 0.81 8.46 -12.18
C GLY A 104 1.94 9.48 -12.15
N LEU A 105 1.86 10.42 -11.22
CA LEU A 105 2.97 11.37 -11.01
C LEU A 105 4.19 10.76 -10.31
N LEU A 106 3.98 9.64 -9.62
CA LEU A 106 5.04 9.01 -8.84
C LEU A 106 5.62 7.75 -9.48
N GLY A 107 4.88 7.06 -10.33
CA GLY A 107 5.41 5.86 -10.97
C GLY A 107 4.40 5.04 -11.73
N ASP A 108 4.68 3.74 -11.87
CA ASP A 108 3.89 2.80 -12.67
C ASP A 108 3.00 1.97 -11.73
N VAL A 109 1.70 2.03 -11.92
CA VAL A 109 0.79 1.28 -11.05
C VAL A 109 0.67 -0.18 -11.47
N PHE A 110 0.39 -1.05 -10.50
CA PHE A 110 0.28 -2.49 -10.76
C PHE A 110 -0.52 -3.18 -9.65
N GLY A 111 -0.97 -4.40 -9.93
CA GLY A 111 -1.62 -5.24 -8.93
C GLY A 111 -1.01 -6.64 -8.91
N TRP A 112 -1.65 -7.52 -8.14
CA TRP A 112 -1.20 -8.89 -7.95
C TRP A 112 -2.29 -9.84 -8.42
N ALA A 113 -1.88 -10.87 -9.16
CA ALA A 113 -2.81 -11.90 -9.62
C ALA A 113 -3.50 -12.62 -8.46
N THR A 114 -2.90 -12.56 -7.28
CA THR A 114 -3.32 -13.31 -6.11
C THR A 114 -3.93 -12.45 -4.99
N GLN A 115 -4.18 -11.18 -5.26
CA GLN A 115 -4.80 -10.28 -4.27
C GLN A 115 -5.96 -9.50 -4.89
N GLN A 116 -7.09 -9.50 -4.20
CA GLN A 116 -8.32 -8.85 -4.66
C GLN A 116 -8.56 -9.03 -6.17
N ASP A 117 -8.46 -10.29 -6.60
CA ASP A 117 -8.77 -10.72 -7.97
C ASP A 117 -7.95 -10.00 -9.05
N GLY A 118 -6.72 -9.61 -8.74
CA GLY A 118 -5.88 -8.93 -9.72
C GLY A 118 -6.15 -7.46 -10.00
N ARG A 119 -7.01 -6.84 -9.19
CA ARG A 119 -7.33 -5.42 -9.37
C ARG A 119 -6.14 -4.51 -9.10
N VAL A 120 -6.07 -3.41 -9.83
CA VAL A 120 -5.02 -2.42 -9.60
C VAL A 120 -5.47 -1.46 -8.52
N VAL A 121 -6.63 -0.83 -8.69
CA VAL A 121 -7.23 -0.04 -7.60
C VAL A 121 -7.95 -1.04 -6.68
N THR A 122 -7.46 -1.15 -5.45
CA THR A 122 -8.04 -2.06 -4.45
C THR A 122 -8.78 -1.28 -3.36
N ASP A 123 -9.42 -2.02 -2.46
CA ASP A 123 -10.22 -1.41 -1.38
C ASP A 123 -9.80 -1.89 -0.01
N VAL A 124 -9.85 -0.95 0.94
CA VAL A 124 -9.61 -1.23 2.34
C VAL A 124 -10.89 -0.84 3.08
N LEU A 125 -11.58 -1.83 3.63
CA LEU A 125 -12.81 -1.62 4.38
C LEU A 125 -13.04 -2.82 5.30
N PRO A 126 -13.75 -2.62 6.43
CA PRO A 126 -13.95 -3.73 7.35
C PRO A 126 -14.98 -4.75 6.83
N ILE A 127 -14.65 -6.03 6.89
CA ILE A 127 -15.56 -7.07 6.44
C ILE A 127 -16.06 -7.86 7.64
N LYS A 128 -17.38 -7.91 7.77
CA LYS A 128 -18.05 -8.61 8.87
C LYS A 128 -17.59 -10.05 8.95
N GLY A 129 -17.23 -10.49 10.15
CA GLY A 129 -16.65 -11.81 10.34
C GLY A 129 -15.14 -11.89 10.24
N GLY A 130 -14.51 -10.85 9.67
CA GLY A 130 -13.06 -10.83 9.48
C GLY A 130 -12.37 -9.78 10.34
N GLU A 131 -12.91 -9.54 11.53
CA GLU A 131 -12.43 -8.48 12.41
C GLU A 131 -11.04 -8.79 12.98
N HIS A 132 -10.76 -10.08 13.20
CA HIS A 132 -9.52 -10.50 13.84
C HIS A 132 -8.57 -11.24 12.90
N THR A 133 -8.61 -10.88 11.62
CA THR A 133 -7.72 -11.48 10.63
C THR A 133 -6.46 -10.62 10.48
N LEU A 134 -5.53 -11.11 9.65
CA LEU A 134 -4.26 -10.42 9.40
C LEU A 134 -4.30 -9.58 8.12
N VAL A 135 -5.49 -9.41 7.53
CA VAL A 135 -5.61 -8.66 6.28
C VAL A 135 -6.23 -7.28 6.57
N SER A 136 -6.23 -6.41 5.57
CA SER A 136 -6.60 -5.00 5.76
C SER A 136 -8.10 -4.78 5.96
N SER A 137 -8.90 -5.82 5.78
CA SER A 137 -10.34 -5.79 6.09
C SER A 137 -10.63 -6.13 7.57
N SER A 138 -9.58 -6.28 8.36
CA SER A 138 -9.69 -6.41 9.80
C SER A 138 -10.15 -5.09 10.44
N SER A 139 -10.47 -5.14 11.73
CA SER A 139 -10.86 -3.94 12.44
C SER A 139 -10.50 -4.05 13.91
N ARG A 140 -11.19 -4.93 14.62
CA ARG A 140 -11.05 -5.03 16.08
C ARG A 140 -9.63 -5.42 16.47
N GLN A 141 -8.97 -6.19 15.62
CA GLN A 141 -7.54 -6.47 15.76
C GLN A 141 -6.71 -5.49 14.93
N GLU A 142 -5.76 -4.84 15.60
CA GLU A 142 -4.86 -3.89 14.95
C GLU A 142 -4.17 -4.56 13.76
N LEU A 143 -4.01 -3.84 12.65
CA LEU A 143 -3.25 -4.34 11.53
C LEU A 143 -1.78 -4.04 11.83
N GLY A 144 -1.02 -5.10 12.12
CA GLY A 144 0.38 -4.97 12.52
C GLY A 144 1.23 -4.31 11.44
N TRP A 145 2.29 -3.65 11.86
CA TRP A 145 3.16 -2.96 10.90
C TRP A 145 3.81 -3.91 9.90
N HIS A 146 3.98 -3.40 8.68
CA HIS A 146 4.52 -4.20 7.59
C HIS A 146 5.00 -3.38 6.42
N THR A 147 6.00 -3.91 5.74
CA THR A 147 6.34 -3.53 4.39
C THR A 147 5.28 -4.21 3.53
N GLU A 148 4.65 -3.44 2.63
CA GLU A 148 3.65 -4.02 1.73
C GLU A 148 4.29 -5.09 0.87
N ASP A 149 3.65 -6.26 0.81
CA ASP A 149 4.14 -7.40 0.02
C ASP A 149 5.61 -7.71 0.27
N ALA A 150 5.97 -7.69 1.56
CA ALA A 150 7.36 -7.83 1.98
C ALA A 150 8.04 -9.05 1.36
N PHE A 151 7.29 -10.14 1.21
CA PHE A 151 7.86 -11.39 0.64
C PHE A 151 8.46 -11.23 -0.76
N SER A 152 7.93 -10.30 -1.55
CA SER A 152 8.25 -10.21 -2.97
C SER A 152 9.34 -9.18 -3.29
N PRO A 153 10.31 -9.56 -4.15
CA PRO A 153 11.26 -8.57 -4.66
C PRO A 153 10.62 -7.51 -5.56
N TYR A 154 9.37 -7.73 -5.98
CA TYR A 154 8.66 -6.82 -6.89
C TYR A 154 7.63 -5.96 -6.16
N ARG A 155 7.68 -5.99 -4.83
CA ARG A 155 6.83 -5.14 -4.01
C ARG A 155 6.93 -3.64 -4.37
N ALA A 156 5.88 -2.90 -4.05
CA ALA A 156 5.77 -1.50 -4.41
C ALA A 156 6.88 -0.64 -3.80
N ASP A 157 7.24 0.41 -4.53
CA ASP A 157 8.02 1.50 -3.97
C ASP A 157 7.15 2.45 -3.16
N TYR A 158 5.92 2.68 -3.65
CA TYR A 158 4.94 3.50 -2.93
C TYR A 158 3.59 2.81 -2.85
N VAL A 159 2.92 3.00 -1.71
CA VAL A 159 1.55 2.54 -1.52
C VAL A 159 0.66 3.77 -1.38
N GLY A 160 -0.27 3.95 -2.33
CA GLY A 160 -1.20 5.07 -2.29
C GLY A 160 -2.47 4.72 -1.57
N LEU A 161 -2.94 5.61 -0.70
CA LEU A 161 -4.18 5.42 0.04
C LEU A 161 -5.02 6.69 -0.10
N LEU A 162 -6.28 6.54 -0.50
CA LEU A 162 -7.19 7.67 -0.53
C LEU A 162 -8.35 7.37 0.39
N SER A 163 -8.56 8.25 1.37
CA SER A 163 -9.62 8.07 2.35
C SER A 163 -10.96 8.56 1.79
N LEU A 164 -11.84 7.62 1.46
CA LEU A 164 -13.20 7.94 1.03
C LEU A 164 -14.06 8.40 2.20
N ARG A 165 -13.93 7.70 3.33
CA ARG A 165 -14.50 8.16 4.59
C ARG A 165 -13.78 7.51 5.77
N ASN A 166 -13.75 8.24 6.87
CA ASN A 166 -13.08 7.80 8.09
C ASN A 166 -13.68 8.61 9.25
N PRO A 167 -15.01 8.44 9.48
CA PRO A 167 -15.74 9.35 10.36
C PRO A 167 -15.24 9.40 11.80
N ASP A 168 -14.64 8.30 12.26
CA ASP A 168 -14.15 8.21 13.63
C ASP A 168 -12.62 8.43 13.77
N GLY A 169 -11.97 8.85 12.68
CA GLY A 169 -10.57 9.27 12.70
C GLY A 169 -9.60 8.16 13.08
N VAL A 170 -9.84 6.97 12.55
CA VAL A 170 -8.95 5.82 12.81
C VAL A 170 -7.58 6.06 12.15
N ALA A 171 -6.51 5.85 12.92
CA ALA A 171 -5.14 6.15 12.46
C ALA A 171 -4.50 5.01 11.68
N THR A 172 -3.82 5.39 10.60
CA THR A 172 -2.82 4.56 9.95
C THR A 172 -1.59 4.70 10.83
N THR A 173 -0.82 3.63 10.96
CA THR A 173 0.42 3.68 11.70
C THR A 173 1.60 3.63 10.75
N LEU A 174 2.73 4.19 11.21
CA LEU A 174 3.96 4.28 10.44
C LEU A 174 5.18 4.22 11.36
N ALA A 175 6.28 3.67 10.84
CA ALA A 175 7.58 3.73 11.49
C ALA A 175 8.68 3.63 10.45
N GLY A 176 9.75 4.40 10.68
CA GLY A 176 10.98 4.24 9.90
C GLY A 176 11.98 3.32 10.57
N VAL A 177 13.16 3.21 9.97
CA VAL A 177 14.23 2.40 10.52
C VAL A 177 14.67 3.09 11.82
N PRO A 178 14.72 2.35 12.94
CA PRO A 178 15.07 2.97 14.23
C PRO A 178 16.58 3.15 14.34
N LEU A 179 17.12 4.01 13.48
CA LEU A 179 18.57 4.13 13.32
C LEU A 179 19.22 4.74 14.56
N ASP A 180 18.47 5.55 15.31
CA ASP A 180 18.99 6.12 16.57
C ASP A 180 19.23 5.09 17.68
N ASP A 181 18.68 3.87 17.53
CA ASP A 181 18.78 2.88 18.59
C ASP A 181 19.43 1.54 18.22
N LEU A 182 19.59 1.27 16.92
CA LEU A 182 20.24 0.04 16.47
C LEU A 182 21.76 0.13 16.63
N ASP A 183 22.33 -0.77 17.43
CA ASP A 183 23.79 -0.84 17.56
C ASP A 183 24.38 -1.46 16.28
N GLU A 184 25.68 -1.28 16.07
CA GLU A 184 26.29 -1.64 14.79
C GLU A 184 26.29 -3.14 14.52
N ARG A 185 26.44 -3.93 15.57
CA ARG A 185 26.42 -5.38 15.41
CA ARG A 185 26.42 -5.38 15.44
C ARG A 185 25.04 -5.84 14.95
N THR A 186 23.99 -5.34 15.62
CA THR A 186 22.62 -5.66 15.23
C THR A 186 22.33 -5.19 13.79
N LEU A 187 22.75 -3.97 13.49
CA LEU A 187 22.62 -3.42 12.17
C LEU A 187 23.31 -4.32 11.12
N ASP A 188 24.57 -4.70 11.39
CA ASP A 188 25.30 -5.63 10.51
C ASP A 188 24.51 -6.88 10.20
N VAL A 189 23.92 -7.48 11.24
CA VAL A 189 23.19 -8.72 11.08
C VAL A 189 21.91 -8.49 10.24
N LEU A 190 21.21 -7.38 10.47
CA LEU A 190 20.00 -7.06 9.70
C LEU A 190 20.30 -6.81 8.21
N PHE A 191 21.52 -6.41 7.88
CA PHE A 191 21.98 -6.27 6.49
C PHE A 191 22.36 -7.58 5.80
N GLN A 192 22.38 -8.69 6.55
CA GLN A 192 22.76 -10.00 6.02
C GLN A 192 21.53 -10.84 5.66
N GLU A 193 21.70 -11.76 4.71
CA GLU A 193 20.62 -12.59 4.20
C GLU A 193 20.34 -13.75 5.16
N ARG A 194 19.66 -13.42 6.26
CA ARG A 194 19.50 -14.34 7.37
C ARG A 194 18.07 -14.35 7.91
N PHE A 195 17.11 -13.92 7.07
CA PHE A 195 15.70 -13.80 7.47
C PHE A 195 14.74 -14.40 6.44
N LEU A 196 13.62 -14.90 6.94
CA LEU A 196 12.56 -15.46 6.12
C LEU A 196 11.34 -14.55 6.16
N ILE A 197 10.76 -14.30 5.00
CA ILE A 197 9.57 -13.45 4.91
C ILE A 197 8.58 -14.14 3.98
N ARG A 198 7.47 -14.59 4.56
CA ARG A 198 6.47 -15.35 3.85
C ARG A 198 5.36 -14.42 3.36
N PRO A 199 4.66 -14.80 2.28
CA PRO A 199 3.56 -13.97 1.82
C PRO A 199 2.44 -13.88 2.86
N ASP A 200 1.82 -12.71 2.96
CA ASP A 200 0.74 -12.50 3.91
C ASP A 200 -0.55 -13.13 3.42
N ASP A 201 -1.57 -13.17 4.30
CA ASP A 201 -2.81 -13.88 4.02
C ASP A 201 -3.69 -13.30 2.90
N SER A 202 -3.41 -12.07 2.47
CA SER A 202 -4.15 -11.49 1.34
C SER A 202 -3.92 -12.25 0.04
N HIS A 203 -2.83 -13.01 -0.03
CA HIS A 203 -2.48 -13.76 -1.23
C HIS A 203 -3.00 -15.20 -1.23
N LEU A 204 -3.79 -15.55 -0.20
CA LEU A 204 -4.36 -16.88 -0.11
C LEU A 204 -5.58 -17.00 -0.99
N GLN A 205 -5.81 -18.21 -1.50
CA GLN A 205 -6.99 -18.51 -2.30
C GLN A 205 -8.29 -18.12 -1.58
N VAL A 206 -8.37 -18.41 -0.28
CA VAL A 206 -9.59 -18.14 0.49
C VAL A 206 -9.95 -16.64 0.54
N ASN A 207 -8.98 -15.76 0.28
CA ASN A 207 -9.22 -14.32 0.29
C ASN A 207 -9.36 -13.70 -1.10
N ASN A 208 -9.54 -14.56 -2.11
CA ASN A 208 -9.93 -14.13 -3.43
C ASN A 208 -11.23 -14.84 -3.81
N SER A 209 -11.84 -14.37 -4.88
CA SER A 209 -13.13 -14.91 -5.33
C SER A 209 -12.96 -16.37 -5.77
N THR A 210 -13.97 -17.18 -5.50
CA THR A 210 -13.90 -18.63 -5.76
C THR A 210 -13.53 -18.94 -7.21
N ALA A 211 -13.99 -18.10 -8.13
CA ALA A 211 -13.66 -18.23 -9.56
C ALA A 211 -12.16 -18.14 -9.86
N GLN A 212 -11.41 -17.44 -9.02
CA GLN A 212 -10.00 -17.17 -9.24
C GLN A 212 -9.07 -18.22 -8.62
N GLN A 213 -9.62 -19.09 -7.78
CA GLN A 213 -8.77 -19.91 -6.89
C GLN A 213 -8.00 -21.04 -7.60
N GLY A 214 -8.29 -21.25 -8.89
CA GLY A 214 -7.50 -22.16 -9.73
C GLY A 214 -6.34 -21.49 -10.47
N ARG A 215 -6.18 -20.17 -10.33
CA ARG A 215 -5.14 -19.45 -11.07
C ARG A 215 -3.75 -19.97 -10.71
N VAL A 216 -2.91 -20.13 -11.71
CA VAL A 216 -1.58 -20.72 -11.53
C VAL A 216 -0.70 -19.90 -10.57
N GLU A 217 -0.94 -18.59 -10.49
CA GLU A 217 -0.11 -17.71 -9.65
C GLU A 217 -0.18 -18.04 -8.15
N PHE A 218 -1.22 -18.74 -7.71
CA PHE A 218 -1.26 -19.18 -6.31
C PHE A 218 -0.20 -20.24 -5.99
N GLU A 219 0.29 -20.93 -7.02
CA GLU A 219 1.40 -21.88 -6.86
C GLU A 219 2.65 -21.18 -6.36
N GLY A 220 2.98 -20.05 -6.97
CA GLY A 220 4.14 -19.26 -6.55
C GLY A 220 4.05 -18.81 -5.11
N ILE A 221 2.85 -18.42 -4.69
CA ILE A 221 2.59 -17.99 -3.31
C ILE A 221 2.85 -19.15 -2.35
N ALA A 222 2.32 -20.32 -2.71
CA ALA A 222 2.54 -21.55 -1.93
C ALA A 222 4.03 -21.85 -1.81
N GLN A 223 4.78 -21.73 -2.91
CA GLN A 223 6.22 -21.97 -2.89
C GLN A 223 6.93 -21.00 -1.94
N ALA A 224 6.53 -19.74 -1.98
CA ALA A 224 7.13 -18.70 -1.14
C ALA A 224 6.80 -18.88 0.35
N ALA A 225 5.64 -19.44 0.64
CA ALA A 225 5.24 -19.73 2.03
C ALA A 225 5.92 -21.00 2.54
N ASP A 226 6.02 -22.01 1.68
CA ASP A 226 6.59 -23.29 2.08
C ASP A 226 8.11 -23.27 2.15
N ARG A 227 8.74 -22.60 1.20
CA ARG A 227 10.20 -22.59 1.08
C ARG A 227 10.74 -21.18 0.86
N PRO A 228 10.55 -20.31 1.87
CA PRO A 228 11.09 -18.95 1.72
C PRO A 228 12.61 -18.97 1.66
N GLU A 229 13.19 -18.08 0.85
CA GLU A 229 14.66 -17.97 0.75
C GLU A 229 15.16 -16.93 1.74
N PRO A 230 16.32 -17.19 2.40
CA PRO A 230 16.81 -16.17 3.31
C PRO A 230 17.15 -14.86 2.60
N VAL A 231 16.68 -13.74 3.15
CA VAL A 231 16.95 -12.41 2.61
C VAL A 231 17.35 -11.47 3.74
N ALA A 232 17.82 -10.28 3.38
CA ALA A 232 18.15 -9.25 4.36
C ALA A 232 16.91 -8.41 4.67
N ILE A 233 16.87 -7.88 5.88
CA ILE A 233 15.85 -6.92 6.28
C ILE A 233 16.25 -5.50 5.84
N LEU A 234 17.52 -5.15 6.04
CA LEU A 234 18.02 -3.84 5.63
C LEU A 234 18.91 -3.93 4.39
N THR A 235 18.79 -2.94 3.51
CA THR A 235 19.62 -2.84 2.31
C THR A 235 20.05 -1.40 2.07
N GLY A 236 21.02 -1.24 1.17
CA GLY A 236 21.50 0.05 0.73
C GLY A 236 22.45 0.75 1.69
N HIS A 237 22.22 2.03 1.92
CA HIS A 237 23.15 2.84 2.71
C HIS A 237 22.96 2.61 4.21
N ARG A 238 24.06 2.37 4.91
CA ARG A 238 23.98 2.09 6.35
C ARG A 238 23.45 3.26 7.16
N ALA A 239 23.63 4.49 6.66
CA ALA A 239 23.12 5.69 7.32
C ALA A 239 21.70 6.09 6.91
N ALA A 240 21.11 5.36 5.97
CA ALA A 240 19.73 5.60 5.54
C ALA A 240 19.21 4.34 4.82
N PRO A 241 19.06 3.23 5.57
CA PRO A 241 18.75 1.94 4.96
C PRO A 241 17.32 1.86 4.46
N HIS A 242 17.12 0.99 3.48
CA HIS A 242 15.79 0.56 3.09
C HIS A 242 15.42 -0.68 3.89
N LEU A 243 14.12 -0.86 4.07
CA LEU A 243 13.56 -1.75 5.07
C LEU A 243 12.60 -2.74 4.41
N ARG A 244 12.70 -4.02 4.80
CA ARG A 244 11.85 -5.09 4.29
C ARG A 244 11.51 -6.05 5.43
N VAL A 245 10.31 -5.91 5.99
CA VAL A 245 9.96 -6.68 7.16
C VAL A 245 8.45 -6.66 7.35
N ASP A 246 7.94 -7.70 7.98
CA ASP A 246 6.52 -7.76 8.30
C ASP A 246 6.42 -8.41 9.67
N GLY A 247 5.87 -7.67 10.63
CA GLY A 247 5.82 -8.12 12.02
C GLY A 247 5.07 -9.42 12.28
N ASP A 248 4.17 -9.81 11.38
CA ASP A 248 3.43 -11.08 11.55
C ASP A 248 3.85 -12.18 10.59
N PHE A 249 4.73 -11.88 9.64
CA PHE A 249 5.14 -12.85 8.62
C PHE A 249 6.64 -12.99 8.43
N SER A 250 7.44 -12.37 9.29
CA SER A 250 8.90 -12.49 9.24
C SER A 250 9.38 -13.46 10.32
N ALA A 251 10.51 -14.11 10.04
CA ALA A 251 11.14 -15.03 10.98
C ALA A 251 12.63 -15.07 10.71
N PRO A 252 13.44 -15.51 11.70
CA PRO A 252 14.84 -15.70 11.39
C PRO A 252 15.06 -16.94 10.55
N ALA A 253 16.18 -17.00 9.84
CA ALA A 253 16.61 -18.24 9.18
C ALA A 253 16.70 -19.38 10.20
N GLU A 254 16.48 -20.60 9.72
CA GLU A 254 16.43 -21.80 10.57
C GLU A 254 17.66 -21.94 11.49
N GLY A 255 17.40 -21.94 12.79
CA GLY A 255 18.46 -22.11 13.80
C GLY A 255 19.45 -20.96 13.94
N ASP A 256 19.17 -19.82 13.30
CA ASP A 256 20.08 -18.68 13.32
C ASP A 256 19.73 -17.77 14.49
N GLU A 257 20.41 -18.01 15.62
CA GLU A 257 20.08 -17.30 16.85
C GLU A 257 20.49 -15.83 16.89
N GLU A 258 21.58 -15.48 16.22
CA GLU A 258 21.97 -14.08 16.14
C GLU A 258 20.98 -13.29 15.28
N ALA A 259 20.49 -13.90 14.21
CA ALA A 259 19.48 -13.27 13.37
C ALA A 259 18.19 -13.09 14.17
N ALA A 260 17.82 -14.10 14.94
CA ALA A 260 16.62 -14.01 15.77
C ALA A 260 16.73 -12.84 16.76
N ALA A 261 17.89 -12.68 17.39
CA ALA A 261 18.10 -11.60 18.35
C ALA A 261 17.96 -10.25 17.68
N ALA A 262 18.52 -10.14 16.47
CA ALA A 262 18.46 -8.91 15.69
C ALA A 262 17.01 -8.53 15.34
N LEU A 263 16.24 -9.51 14.86
CA LEU A 263 14.81 -9.31 14.54
C LEU A 263 14.01 -8.99 15.80
N GLY A 264 14.28 -9.72 16.89
CA GLY A 264 13.64 -9.42 18.17
C GLY A 264 13.85 -7.97 18.61
N THR A 265 15.10 -7.51 18.51
CA THR A 265 15.43 -6.13 18.83
C THR A 265 14.71 -5.13 17.91
N LEU A 266 14.72 -5.42 16.62
CA LEU A 266 14.06 -4.55 15.65
C LEU A 266 12.56 -4.42 15.96
N ARG A 267 11.91 -5.54 16.29
CA ARG A 267 10.48 -5.51 16.67
C ARG A 267 10.22 -4.53 17.78
N LYS A 268 11.02 -4.62 18.84
CA LYS A 268 10.84 -3.76 20.00
C LYS A 268 11.05 -2.30 19.64
N LEU A 269 12.06 -2.02 18.81
CA LEU A 269 12.35 -0.64 18.45
C LEU A 269 11.30 -0.04 17.50
N ILE A 270 10.78 -0.86 16.60
CA ILE A 270 9.70 -0.41 15.73
C ILE A 270 8.40 -0.19 16.54
N ASP A 271 8.05 -1.15 17.40
CA ASP A 271 6.90 -0.98 18.30
C ASP A 271 7.00 0.34 19.07
N ALA A 272 8.20 0.67 19.54
CA ALA A 272 8.42 1.84 20.38
C ALA A 272 8.37 3.18 19.62
N SER A 273 8.63 3.15 18.32
CA SER A 273 8.70 4.37 17.53
C SER A 273 7.51 4.54 16.58
N LEU A 274 6.58 3.58 16.61
CA LEU A 274 5.40 3.60 15.75
C LEU A 274 4.58 4.87 16.05
N TYR A 275 4.14 5.59 15.02
CA TYR A 275 3.36 6.80 15.20
C TYR A 275 2.14 6.82 14.29
N GLU A 276 1.26 7.78 14.50
CA GLU A 276 -0.05 7.80 13.85
C GLU A 276 -0.20 8.89 12.80
N LEU A 277 -0.87 8.52 11.71
CA LEU A 277 -1.25 9.44 10.64
C LEU A 277 -2.74 9.18 10.41
N VAL A 278 -3.58 10.19 10.66
CA VAL A 278 -5.02 10.01 10.45
C VAL A 278 -5.37 10.57 9.08
N LEU A 279 -5.85 9.71 8.20
CA LEU A 279 -6.31 10.12 6.89
C LEU A 279 -7.79 10.44 6.97
N ASP A 280 -8.10 11.73 7.11
CA ASP A 280 -9.50 12.20 7.09
C ASP A 280 -10.08 12.02 5.70
N GLN A 281 -11.40 12.11 5.61
CA GLN A 281 -12.08 12.10 4.33
C GLN A 281 -11.44 13.04 3.32
N GLY A 282 -11.06 12.47 2.17
CA GLY A 282 -10.45 13.23 1.09
C GLY A 282 -8.92 13.31 1.15
N ASP A 283 -8.32 12.82 2.24
CA ASP A 283 -6.85 12.83 2.34
C ASP A 283 -6.25 11.69 1.54
N VAL A 284 -5.11 11.95 0.91
CA VAL A 284 -4.39 10.92 0.15
C VAL A 284 -2.99 10.81 0.70
N ALA A 285 -2.50 9.59 0.87
CA ALA A 285 -1.11 9.39 1.30
C ALA A 285 -0.41 8.45 0.36
N PHE A 286 0.84 8.76 0.07
CA PHE A 286 1.71 7.85 -0.66
C PHE A 286 2.84 7.46 0.27
N ILE A 287 2.75 6.25 0.80
CA ILE A 287 3.70 5.77 1.80
C ILE A 287 4.94 5.22 1.10
N ASP A 288 6.12 5.63 1.58
CA ASP A 288 7.38 5.14 1.03
C ASP A 288 7.63 3.74 1.57
N ASN A 289 7.39 2.74 0.73
CA ASN A 289 7.43 1.36 1.14
C ASN A 289 8.86 0.80 1.29
N ARG A 290 9.86 1.63 0.98
CA ARG A 290 11.27 1.31 1.23
C ARG A 290 11.76 1.90 2.56
N ARG A 291 11.27 3.10 2.92
CA ARG A 291 11.74 3.78 4.13
C ARG A 291 10.93 3.45 5.37
N ALA A 292 9.69 3.01 5.18
CA ALA A 292 8.77 2.88 6.30
C ALA A 292 7.95 1.61 6.21
N VAL A 293 7.58 1.10 7.39
CA VAL A 293 6.51 0.11 7.54
C VAL A 293 5.24 0.85 7.94
N HIS A 294 4.09 0.25 7.68
CA HIS A 294 2.82 0.87 8.03
C HIS A 294 1.83 -0.18 8.49
N GLY A 295 0.77 0.31 9.13
CA GLY A 295 -0.31 -0.53 9.65
C GLY A 295 -1.55 0.30 9.90
N ARG A 296 -2.41 -0.20 10.77
CA ARG A 296 -3.66 0.49 11.08
C ARG A 296 -4.11 0.12 12.49
N ARG A 297 -4.51 1.13 13.25
CA ARG A 297 -4.96 0.91 14.61
C ARG A 297 -6.22 0.07 14.69
N ALA A 298 -6.34 -0.64 15.80
CA ALA A 298 -7.58 -1.34 16.12
C ALA A 298 -8.75 -0.36 16.19
N PHE A 299 -9.90 -0.77 15.65
CA PHE A 299 -11.13 0.01 15.75
C PHE A 299 -12.35 -0.88 15.79
N GLN A 300 -13.42 -0.37 16.38
CA GLN A 300 -14.69 -1.08 16.40
C GLN A 300 -15.44 -0.76 15.10
N PRO A 301 -15.70 -1.79 14.27
CA PRO A 301 -16.45 -1.51 13.04
C PRO A 301 -17.90 -1.14 13.33
N ARG A 302 -18.50 -0.40 12.42
CA ARG A 302 -19.88 0.08 12.55
C ARG A 302 -20.85 -0.89 11.88
N TYR A 303 -20.53 -1.28 10.64
CA TYR A 303 -21.38 -2.09 9.77
C TYR A 303 -22.77 -1.50 9.54
N ASP A 304 -22.85 -0.17 9.53
CA ASP A 304 -24.12 0.54 9.35
C ASP A 304 -24.19 1.33 8.05
N GLY A 305 -23.21 1.14 7.18
CA GLY A 305 -23.15 1.86 5.91
C GLY A 305 -22.14 2.99 5.86
N ARG A 306 -21.57 3.35 7.01
CA ARG A 306 -20.63 4.46 7.08
C ARG A 306 -19.25 4.06 7.62
N ASP A 307 -18.86 2.80 7.42
CA ASP A 307 -17.53 2.37 7.82
C ASP A 307 -16.42 3.11 7.06
N ARG A 308 -15.30 3.28 7.74
CA ARG A 308 -14.04 3.69 7.15
C ARG A 308 -13.75 2.90 5.87
N TRP A 309 -13.33 3.63 4.84
CA TRP A 309 -13.18 3.07 3.50
C TRP A 309 -12.07 3.82 2.76
N LEU A 310 -11.05 3.08 2.30
CA LEU A 310 -9.97 3.64 1.50
C LEU A 310 -9.90 2.94 0.17
N LYS A 311 -9.51 3.70 -0.87
CA LYS A 311 -9.01 3.11 -2.11
C LYS A 311 -7.49 3.04 -2.01
N ARG A 312 -6.89 2.05 -2.64
CA ARG A 312 -5.48 1.77 -2.50
C ARG A 312 -4.87 1.37 -3.83
N ILE A 313 -3.60 1.73 -4.03
CA ILE A 313 -2.90 1.34 -5.23
C ILE A 313 -1.40 1.12 -4.93
N ASN A 314 -0.84 0.08 -5.55
CA ASN A 314 0.60 -0.20 -5.52
C ASN A 314 1.31 0.49 -6.69
N ILE A 315 2.45 1.11 -6.39
CA ILE A 315 3.21 1.87 -7.39
C ILE A 315 4.68 1.45 -7.40
N THR A 316 5.22 1.18 -8.58
CA THR A 316 6.64 0.91 -8.72
C THR A 316 7.32 2.02 -9.52
N ARG A 317 8.57 2.33 -9.20
CA ARG A 317 9.34 3.23 -10.05
C ARG A 317 9.71 2.61 -11.39
N ASP A 318 9.64 1.29 -11.52
CA ASP A 318 10.01 0.65 -12.79
C ASP A 318 9.35 -0.71 -12.97
N LEU A 319 8.29 -0.73 -13.78
CA LEU A 319 7.55 -1.96 -14.07
C LEU A 319 8.44 -3.07 -14.65
N HIS A 320 9.48 -2.69 -15.39
CA HIS A 320 10.34 -3.69 -16.06
C HIS A 320 11.19 -4.51 -15.10
N ARG A 321 11.38 -3.97 -13.89
CA ARG A 321 11.98 -4.71 -12.78
C ARG A 321 11.26 -6.04 -12.48
N SER A 322 9.96 -6.10 -12.76
CA SER A 322 9.14 -7.27 -12.39
C SER A 322 8.76 -8.19 -13.57
N ARG A 323 9.48 -8.10 -14.68
N ARG A 323 9.51 -8.08 -14.66
CA ARG A 323 9.11 -8.82 -15.89
CA ARG A 323 9.26 -8.80 -15.91
C ARG A 323 9.02 -10.33 -15.70
C ARG A 323 9.04 -10.30 -15.69
N LYS A 324 9.85 -10.90 -14.83
CA LYS A 324 9.78 -12.33 -14.50
C LYS A 324 8.40 -12.71 -13.93
N ALA A 325 7.75 -11.77 -13.25
CA ALA A 325 6.44 -11.99 -12.64
C ALA A 325 5.25 -11.40 -13.41
N TRP A 326 5.47 -10.86 -14.61
CA TRP A 326 4.35 -10.35 -15.42
C TRP A 326 3.39 -11.49 -15.71
N ALA A 327 2.13 -11.33 -15.28
CA ALA A 327 1.10 -12.38 -15.38
C ALA A 327 -0.20 -11.96 -16.10
N GLY A 328 -0.71 -10.75 -15.84
CA GLY A 328 -1.96 -10.26 -16.49
C GLY A 328 -1.98 -8.91 -17.22
N ASP A 329 -0.94 -8.58 -17.97
CA ASP A 329 0.33 -9.27 -17.93
C ASP A 329 1.31 -8.41 -17.16
N SER A 330 1.71 -7.29 -17.74
CA SER A 330 2.68 -6.41 -17.09
C SER A 330 2.15 -5.77 -15.81
N ARG A 331 0.82 -5.62 -15.71
CA ARG A 331 0.21 -4.87 -14.61
C ARG A 331 -0.36 -5.74 -13.50
N VAL A 332 -0.33 -7.06 -13.67
CA VAL A 332 -0.82 -7.99 -12.67
C VAL A 332 0.28 -9.04 -12.44
N LEU A 333 0.91 -8.99 -11.26
CA LEU A 333 2.10 -9.78 -11.00
C LEU A 333 1.79 -11.13 -10.36
N GLY A 334 2.56 -12.14 -10.77
CA GLY A 334 2.51 -13.45 -10.15
C GLY A 334 3.28 -14.50 -10.93
N GLN A 335 3.56 -15.62 -10.28
CA GLN A 335 4.39 -16.67 -10.86
C GLN A 335 3.88 -18.04 -10.52
N ARG A 336 4.22 -18.99 -11.37
CA ARG A 336 4.10 -20.41 -11.06
C ARG A 336 5.11 -20.78 -9.97
#